data_8B87
#
_entry.id   8B87
#
_cell.length_a   74.620
_cell.length_b   31.140
_cell.length_c   91.760
_cell.angle_alpha   90.000
_cell.angle_beta   107.560
_cell.angle_gamma   90.000
#
_symmetry.space_group_name_H-M   'C 1 2 1'
#
loop_
_entity.id
_entity.type
_entity.pdbx_description
1 polymer 'Protein scribble homolog'
2 polymer 'Protein E6'
3 non-polymer beta-D-talopyranose
4 non-polymer DI(HYDROXYETHYL)ETHER
5 non-polymer 'AMMONIUM ION'
6 water water
#
loop_
_entity_poly.entity_id
_entity_poly.type
_entity_poly.pdbx_seq_one_letter_code
_entity_poly.pdbx_strand_id
1 'polypeptide(L)'
;GPLGSAPSVKGVSFDQANNLLIEPARIEEEELTLTILRQTGGLGISIAGGKGSTPYKGDDEGIFISRVSEEGPAARAGVR
VGDKLLEVNGVALQGAEHHEAVEALRGAGTAVQMRVWRER
;
A,B
2 'polypeptide(L)' SSRTRRETQL C,D
#
loop_
_chem_comp.id
_chem_comp.type
_chem_comp.name
_chem_comp.formula
NH4 non-polymer 'AMMONIUM ION' 'H4 N 1'
PEG non-polymer DI(HYDROXYETHYL)ETHER 'C4 H10 O3'
SDY D-saccharide, beta linking beta-D-talopyranose 'C6 H12 O6'
#
# COMPACT_ATOMS: atom_id res chain seq x y z
N ARG A 26 5.22 -3.39 -1.36
CA ARG A 26 6.35 -3.49 -0.44
C ARG A 26 7.68 -3.39 -1.19
N ILE A 27 8.69 -2.82 -0.54
CA ILE A 27 10.04 -2.74 -1.09
C ILE A 27 10.98 -3.22 0.02
N GLU A 28 11.20 -4.54 0.08
CA GLU A 28 11.96 -5.09 1.20
C GLU A 28 13.43 -4.70 1.12
N GLU A 29 13.96 -4.50 -0.09
CA GLU A 29 15.36 -4.11 -0.24
C GLU A 29 15.64 -2.72 0.32
N GLU A 30 14.61 -1.90 0.52
CA GLU A 30 14.76 -0.54 1.02
C GLU A 30 14.40 -0.39 2.49
N GLU A 31 14.12 -1.50 3.18
CA GLU A 31 13.63 -1.40 4.54
C GLU A 31 14.78 -1.19 5.52
N LEU A 32 14.44 -0.63 6.66
CA LEU A 32 15.39 -0.36 7.73
C LEU A 32 15.10 -1.28 8.90
N THR A 33 16.14 -1.57 9.68
CA THR A 33 16.01 -2.35 10.91
C THR A 33 16.50 -1.48 12.05
N LEU A 34 15.60 -1.18 12.98
CA LEU A 34 15.87 -0.37 14.15
C LEU A 34 15.59 -1.20 15.40
N THR A 35 16.50 -1.11 16.37
CA THR A 35 16.40 -1.87 17.62
C THR A 35 16.15 -0.92 18.78
N ILE A 36 14.99 -1.06 19.42
CA ILE A 36 14.63 -0.24 20.57
C ILE A 36 15.01 -1.04 21.81
N LEU A 37 15.84 -0.45 22.66
CA LEU A 37 16.24 -1.08 23.92
C LEU A 37 15.31 -0.55 25.00
N ARG A 38 14.26 -1.31 25.29
CA ARG A 38 13.31 -0.92 26.33
C ARG A 38 14.03 -0.79 27.66
N GLN A 39 13.76 0.29 28.38
CA GLN A 39 14.41 0.50 29.68
C GLN A 39 13.65 -0.21 30.79
N GLY A 41 9.24 -1.71 30.29
CA GLY A 41 8.09 -0.96 29.84
C GLY A 41 8.45 0.38 29.24
N GLY A 42 7.73 0.76 28.18
CA GLY A 42 7.89 2.07 27.59
C GLY A 42 8.73 2.11 26.33
N LEU A 43 8.08 2.14 25.17
CA LEU A 43 8.78 2.26 23.90
C LEU A 43 8.83 3.69 23.39
N GLY A 44 7.93 4.55 23.86
CA GLY A 44 7.93 5.94 23.43
C GLY A 44 7.43 6.12 22.00
N ILE A 45 6.37 5.40 21.63
CA ILE A 45 5.77 5.52 20.32
C ILE A 45 4.25 5.37 20.46
N SER A 46 3.56 5.73 19.40
CA SER A 46 2.16 5.39 19.20
C SER A 46 2.05 4.80 17.80
N ILE A 47 1.26 3.74 17.66
CA ILE A 47 1.01 3.13 16.36
C ILE A 47 -0.44 3.37 15.99
N ALA A 48 -0.69 3.39 14.68
CA ALA A 48 -2.03 3.60 14.14
C ALA A 48 -2.18 2.74 12.89
N GLY A 49 -3.43 2.45 12.55
CA GLY A 49 -3.74 1.69 11.37
C GLY A 49 -3.95 0.22 11.66
N GLY A 50 -3.85 -0.58 10.61
CA GLY A 50 -4.07 -2.01 10.71
C GLY A 50 -5.14 -2.50 9.76
N LYS A 51 -5.11 -3.80 9.48
CA LYS A 51 -6.06 -4.39 8.54
C LYS A 51 -7.48 -4.09 9.02
N GLY A 52 -8.27 -3.43 8.17
CA GLY A 52 -9.64 -3.12 8.51
C GLY A 52 -9.85 -1.84 9.29
N SER A 53 -8.81 -1.23 9.82
CA SER A 53 -8.95 0.03 10.54
C SER A 53 -8.97 1.20 9.55
N THR A 54 -9.30 2.37 10.07
CA THR A 54 -9.18 3.61 9.30
C THR A 54 -7.73 3.78 8.86
N PRO A 55 -7.45 3.90 7.56
CA PRO A 55 -6.05 3.96 7.11
C PRO A 55 -5.32 5.18 7.64
N TYR A 56 -4.05 4.99 7.98
CA TYR A 56 -3.21 6.11 8.40
C TYR A 56 -3.00 7.09 7.26
N LYS A 57 -2.87 6.60 6.03
CA LYS A 57 -2.71 7.44 4.85
C LYS A 57 -3.31 6.73 3.65
N GLY A 58 -3.99 7.50 2.80
CA GLY A 58 -4.54 6.94 1.58
C GLY A 58 -5.36 5.69 1.82
N ASP A 59 -5.07 4.64 1.05
CA ASP A 59 -5.72 3.35 1.20
C ASP A 59 -4.84 2.34 1.92
N ASP A 60 -3.75 2.78 2.54
CA ASP A 60 -2.78 1.89 3.14
C ASP A 60 -3.26 1.50 4.53
N GLU A 61 -3.58 0.22 4.71
CA GLU A 61 -4.02 -0.34 5.99
C GLU A 61 -2.85 -0.83 6.85
N GLY A 62 -1.63 -0.43 6.54
CA GLY A 62 -0.50 -0.90 7.29
C GLY A 62 -0.43 -0.28 8.68
N ILE A 63 0.47 -0.83 9.49
CA ILE A 63 0.74 -0.31 10.82
C ILE A 63 1.78 0.79 10.71
N PHE A 64 1.45 1.99 11.18
CA PHE A 64 2.35 3.13 11.09
C PHE A 64 2.67 3.68 12.49
N ILE A 65 3.89 4.20 12.60
CA ILE A 65 4.31 4.95 13.79
C ILE A 65 3.70 6.34 13.69
N SER A 66 2.71 6.63 14.54
CA SER A 66 2.00 7.90 14.47
C SER A 66 2.59 8.96 15.40
N ARG A 67 3.39 8.56 16.37
CA ARG A 67 3.98 9.48 17.32
C ARG A 67 5.26 8.88 17.87
N VAL A 68 6.23 9.75 18.17
CA VAL A 68 7.52 9.35 18.72
C VAL A 68 7.88 10.34 19.81
N SER A 69 8.09 9.84 21.03
N SER A 69 8.09 9.84 21.04
CA SER A 69 8.43 10.71 22.15
CA SER A 69 8.42 10.71 22.15
C SER A 69 9.90 11.11 22.08
C SER A 69 9.90 11.11 22.08
N GLU A 70 10.16 12.41 22.23
CA GLU A 70 11.54 12.90 22.16
C GLU A 70 12.43 12.26 23.21
N GLU A 71 11.88 11.87 24.36
CA GLU A 71 12.67 11.33 25.45
C GLU A 71 12.64 9.81 25.53
N GLY A 72 11.96 9.14 24.60
CA GLY A 72 11.80 7.71 24.67
C GLY A 72 12.88 6.93 23.95
N PRO A 73 12.92 5.62 24.17
CA PRO A 73 13.96 4.80 23.51
C PRO A 73 13.78 4.69 22.01
N ALA A 74 12.54 4.73 21.50
CA ALA A 74 12.33 4.60 20.07
C ALA A 74 12.99 5.75 19.31
N ALA A 75 12.86 6.97 19.84
CA ALA A 75 13.52 8.11 19.20
C ALA A 75 15.02 7.90 19.15
N ARG A 76 15.60 7.39 20.23
CA ARG A 76 17.04 7.16 20.25
C ARG A 76 17.45 6.07 19.27
N ALA A 77 16.59 5.10 19.03
CA ALA A 77 16.91 4.00 18.11
C ALA A 77 16.76 4.39 16.64
N GLY A 78 16.31 5.61 16.35
CA GLY A 78 16.16 6.07 14.99
C GLY A 78 14.76 5.94 14.42
N VAL A 79 13.76 5.68 15.26
CA VAL A 79 12.38 5.57 14.81
C VAL A 79 11.82 6.96 14.57
N ARG A 80 11.00 7.10 13.52
CA ARG A 80 10.46 8.38 13.12
C ARG A 80 8.96 8.25 12.84
N VAL A 81 8.24 9.35 13.08
CA VAL A 81 6.84 9.39 12.70
C VAL A 81 6.72 9.13 11.20
N GLY A 82 5.67 8.42 10.82
CA GLY A 82 5.45 8.08 9.44
C GLY A 82 6.03 6.76 9.00
N ASP A 83 6.95 6.18 9.78
CA ASP A 83 7.51 4.88 9.45
C ASP A 83 6.40 3.83 9.39
N LYS A 84 6.48 2.95 8.39
CA LYS A 84 5.59 1.81 8.30
C LYS A 84 6.25 0.62 8.97
N LEU A 85 5.52 -0.01 9.90
CA LEU A 85 6.03 -1.14 10.67
C LEU A 85 5.70 -2.43 9.95
N LEU A 86 6.73 -3.22 9.65
CA LEU A 86 6.58 -4.45 8.88
C LEU A 86 6.93 -5.72 9.65
N GLU A 87 7.81 -5.64 10.64
CA GLU A 87 8.13 -6.79 11.45
C GLU A 87 8.57 -6.32 12.83
N VAL A 88 8.32 -7.17 13.83
CA VAL A 88 8.73 -6.91 15.20
C VAL A 88 9.21 -8.22 15.80
N ASN A 89 10.53 -8.35 15.98
CA ASN A 89 11.14 -9.54 16.58
C ASN A 89 10.64 -10.82 15.90
N GLY A 90 10.75 -10.85 14.57
CA GLY A 90 10.35 -12.00 13.80
C GLY A 90 8.89 -12.08 13.44
N VAL A 91 8.04 -11.32 14.13
CA VAL A 91 6.60 -11.34 13.86
C VAL A 91 6.30 -10.46 12.66
N ALA A 92 5.78 -11.06 11.59
CA ALA A 92 5.43 -10.31 10.40
C ALA A 92 4.14 -9.55 10.62
N LEU A 93 4.16 -8.25 10.31
CA LEU A 93 3.00 -7.38 10.51
C LEU A 93 2.43 -6.85 9.19
N GLN A 94 2.88 -7.38 8.06
CA GLN A 94 2.34 -6.96 6.78
C GLN A 94 0.90 -7.48 6.65
N GLY A 95 -0.05 -6.57 6.53
CA GLY A 95 -1.45 -6.95 6.47
C GLY A 95 -2.03 -7.39 7.80
N ALA A 96 -1.42 -7.00 8.91
CA ALA A 96 -1.88 -7.41 10.23
C ALA A 96 -2.93 -6.44 10.76
N GLU A 97 -3.78 -6.95 11.65
CA GLU A 97 -4.73 -6.12 12.36
C GLU A 97 -4.02 -5.32 13.44
N HIS A 98 -4.65 -4.21 13.85
CA HIS A 98 -4.03 -3.31 14.83
C HIS A 98 -3.61 -4.06 16.09
N HIS A 99 -4.48 -4.91 16.63
CA HIS A 99 -4.18 -5.57 17.89
C HIS A 99 -3.00 -6.54 17.75
N GLU A 100 -2.79 -7.08 16.56
CA GLU A 100 -1.66 -8.00 16.35
C GLU A 100 -0.34 -7.27 16.51
N ALA A 101 -0.25 -6.03 16.01
CA ALA A 101 0.97 -5.25 16.22
C ALA A 101 1.14 -4.90 17.69
N VAL A 102 0.05 -4.52 18.35
CA VAL A 102 0.12 -4.16 19.78
C VAL A 102 0.65 -5.34 20.58
N GLU A 103 0.10 -6.53 20.33
CA GLU A 103 0.52 -7.71 21.08
C GLU A 103 1.97 -8.06 20.77
N ALA A 104 2.39 -7.88 19.52
CA ALA A 104 3.78 -8.17 19.16
C ALA A 104 4.73 -7.21 19.85
N LEU A 105 4.35 -5.94 19.95
CA LEU A 105 5.21 -4.94 20.59
C LEU A 105 5.19 -5.05 22.10
N ARG A 106 4.05 -5.40 22.70
CA ARG A 106 3.99 -5.49 24.15
C ARG A 106 4.77 -6.68 24.69
N GLY A 107 4.85 -7.76 23.91
CA GLY A 107 5.56 -8.94 24.33
C GLY A 107 6.91 -9.11 23.65
N ALA A 108 7.46 -8.01 23.12
CA ALA A 108 8.70 -8.10 22.36
C ALA A 108 9.90 -8.36 23.26
N GLY A 109 9.92 -7.76 24.44
CA GLY A 109 11.01 -7.94 25.37
C GLY A 109 11.83 -6.67 25.56
N THR A 110 13.03 -6.86 26.11
CA THR A 110 13.90 -5.73 26.38
C THR A 110 14.45 -5.10 25.11
N ALA A 111 14.66 -5.91 24.07
CA ALA A 111 15.15 -5.43 22.78
C ALA A 111 14.08 -5.67 21.73
N VAL A 112 13.63 -4.60 21.09
CA VAL A 112 12.55 -4.66 20.11
C VAL A 112 13.16 -4.34 18.75
N GLN A 113 13.42 -5.39 17.96
CA GLN A 113 13.95 -5.25 16.61
C GLN A 113 12.78 -5.05 15.66
N MET A 114 12.68 -3.85 15.09
CA MET A 114 11.60 -3.49 14.19
C MET A 114 12.14 -3.26 12.79
N ARG A 115 11.47 -3.83 11.81
CA ARG A 115 11.75 -3.58 10.39
C ARG A 115 10.70 -2.58 9.91
N VAL A 116 11.16 -1.46 9.35
CA VAL A 116 10.27 -0.40 8.91
C VAL A 116 10.60 0.00 7.49
N TRP A 117 9.68 0.72 6.87
CA TRP A 117 9.90 1.33 5.56
C TRP A 117 9.53 2.80 5.66
N ARG A 118 10.42 3.67 5.17
CA ARG A 118 10.13 5.09 5.07
C ARG A 118 10.51 5.57 3.67
N GLU A 119 9.94 6.71 3.29
CA GLU A 119 10.17 7.29 1.98
C GLU A 119 11.43 8.15 1.98
N ARG A 120 12.21 8.03 0.91
CA ARG A 120 13.43 8.81 0.77
C ARG A 120 13.60 9.28 -0.67
N ARG B 26 -6.71 -1.41 1.50
CA ARG B 26 -7.81 -1.24 0.55
C ARG B 26 -9.01 -0.58 1.23
N ILE B 27 -9.75 0.22 0.46
CA ILE B 27 -10.98 0.86 0.93
C ILE B 27 -12.04 0.62 -0.14
N GLU B 28 -12.80 -0.47 0.00
CA GLU B 28 -13.78 -0.81 -1.03
C GLU B 28 -14.96 0.15 -1.02
N GLU B 29 -15.29 0.72 0.15
CA GLU B 29 -16.40 1.65 0.23
C GLU B 29 -16.13 2.94 -0.53
N GLU B 30 -14.87 3.23 -0.86
CA GLU B 30 -14.50 4.46 -1.55
C GLU B 30 -14.17 4.25 -3.02
N GLU B 31 -14.38 3.04 -3.54
CA GLU B 31 -13.94 2.72 -4.90
C GLU B 31 -14.97 3.18 -5.94
N LEU B 32 -14.47 3.39 -7.16
CA LEU B 32 -15.28 3.77 -8.31
C LEU B 32 -15.29 2.62 -9.32
N THR B 33 -16.35 2.55 -10.11
CA THR B 33 -16.46 1.58 -11.20
C THR B 33 -16.67 2.34 -12.51
N LEU B 34 -15.73 2.19 -13.44
CA LEU B 34 -15.78 2.83 -14.74
C LEU B 34 -15.78 1.76 -15.82
N THR B 35 -16.62 1.95 -16.83
CA THR B 35 -16.77 0.99 -17.92
C THR B 35 -16.23 1.62 -19.20
N ILE B 36 -15.17 1.03 -19.74
CA ILE B 36 -14.53 1.49 -20.97
C ILE B 36 -15.04 0.67 -22.14
N LEU B 37 -15.52 1.35 -23.17
CA LEU B 37 -15.99 0.69 -24.40
C LEU B 37 -14.82 0.61 -25.36
N ARG B 38 -14.19 -0.56 -25.43
CA ARG B 38 -13.00 -0.73 -26.27
C ARG B 38 -13.29 -0.31 -27.70
N GLN B 39 -12.33 0.41 -28.28
CA GLN B 39 -12.47 0.92 -29.64
C GLN B 39 -12.04 -0.13 -30.65
N THR B 40 -12.80 -0.21 -31.75
CA THR B 40 -12.53 -1.18 -32.80
C THR B 40 -11.37 -0.73 -33.69
N GLY B 42 -8.21 0.59 -29.09
CA GLY B 42 -7.85 -0.01 -27.82
C GLY B 42 -8.58 0.61 -26.65
N LEU B 43 -7.93 0.63 -25.48
CA LEU B 43 -8.49 1.24 -24.29
C LEU B 43 -7.99 2.67 -24.05
N GLY B 44 -6.86 3.05 -24.64
CA GLY B 44 -6.35 4.40 -24.46
C GLY B 44 -5.78 4.66 -23.08
N ILE B 45 -5.03 3.71 -22.53
CA ILE B 45 -4.41 3.85 -21.23
C ILE B 45 -3.04 3.18 -21.25
N SER B 46 -2.25 3.48 -20.23
CA SER B 46 -1.04 2.74 -19.91
C SER B 46 -1.09 2.39 -18.44
N ILE B 47 -0.70 1.17 -18.10
CA ILE B 47 -0.62 0.74 -16.70
C ILE B 47 0.84 0.58 -16.35
N ALA B 48 1.13 0.71 -15.05
CA ALA B 48 2.48 0.56 -14.54
C ALA B 48 2.39 -0.06 -13.15
N GLY B 49 3.48 -0.69 -12.73
CA GLY B 49 3.58 -1.29 -11.42
C GLY B 49 3.28 -2.77 -11.43
N GLY B 50 2.98 -3.29 -10.23
CA GLY B 50 2.69 -4.70 -10.06
C GLY B 50 3.63 -5.35 -9.08
N LYS B 51 3.22 -6.50 -8.52
CA LYS B 51 4.06 -7.22 -7.57
C LYS B 51 5.40 -7.59 -8.19
N GLY B 52 6.48 -7.19 -7.53
CA GLY B 52 7.82 -7.45 -8.00
C GLY B 52 8.37 -6.41 -8.93
N SER B 53 7.55 -5.47 -9.40
N SER B 53 7.55 -5.47 -9.40
CA SER B 53 7.97 -4.42 -10.30
CA SER B 53 7.97 -4.42 -10.30
C SER B 53 8.31 -3.16 -9.50
C SER B 53 8.31 -3.16 -9.50
N THR B 54 8.95 -2.22 -10.18
CA THR B 54 9.26 -0.93 -9.57
C THR B 54 7.95 -0.25 -9.19
N PRO B 55 7.75 0.13 -7.92
CA PRO B 55 6.46 0.69 -7.51
C PRO B 55 6.16 1.99 -8.24
N TYR B 56 4.89 2.17 -8.60
CA TYR B 56 4.45 3.42 -9.21
C TYR B 56 4.56 4.58 -8.23
N LYS B 57 4.30 4.33 -6.95
CA LYS B 57 4.41 5.36 -5.93
C LYS B 57 4.77 4.70 -4.61
N GLY B 58 5.65 5.37 -3.85
CA GLY B 58 6.02 4.88 -2.53
C GLY B 58 6.41 3.41 -2.56
N ASP B 59 5.84 2.64 -1.64
CA ASP B 59 6.05 1.21 -1.59
C ASP B 59 4.88 0.42 -2.17
N ASP B 60 3.97 1.08 -2.88
CA ASP B 60 2.76 0.43 -3.36
C ASP B 60 3.08 -0.31 -4.66
N GLU B 61 2.98 -1.63 -4.62
CA GLU B 61 3.19 -2.49 -5.78
C GLU B 61 1.90 -2.71 -6.58
N GLY B 62 0.88 -1.89 -6.36
CA GLY B 62 -0.37 -2.06 -7.07
C GLY B 62 -0.25 -1.68 -8.54
N ILE B 63 -1.31 -2.00 -9.27
CA ILE B 63 -1.43 -1.64 -10.69
C ILE B 63 -2.03 -0.24 -10.78
N PHE B 64 -1.30 0.68 -11.40
CA PHE B 64 -1.75 2.06 -11.50
C PHE B 64 -1.89 2.47 -12.96
N ILE B 65 -2.85 3.37 -13.20
CA ILE B 65 -3.01 4.00 -14.50
C ILE B 65 -1.93 5.08 -14.61
N SER B 66 -0.97 4.86 -15.50
CA SER B 66 0.14 5.80 -15.64
C SER B 66 -0.08 6.83 -16.73
N ARG B 67 -1.00 6.58 -17.65
CA ARG B 67 -1.26 7.50 -18.74
C ARG B 67 -2.69 7.28 -19.22
N VAL B 68 -3.32 8.37 -19.68
CA VAL B 68 -4.70 8.34 -20.16
C VAL B 68 -4.74 9.20 -21.42
N SER B 69 -4.95 8.57 -22.58
CA SER B 69 -5.06 9.32 -23.82
C SER B 69 -6.23 10.28 -23.76
N GLU B 70 -5.96 11.56 -24.06
CA GLU B 70 -7.01 12.57 -23.95
C GLU B 70 -8.18 12.27 -24.88
N GLU B 71 -7.93 11.61 -26.01
CA GLU B 71 -8.95 11.33 -27.01
C GLU B 71 -9.46 9.90 -26.94
N GLY B 72 -8.99 9.11 -25.99
CA GLY B 72 -9.33 7.70 -25.92
C GLY B 72 -10.58 7.44 -25.12
N PRO B 73 -11.09 6.20 -25.17
CA PRO B 73 -12.33 5.89 -24.44
C PRO B 73 -12.18 5.98 -22.94
N ALA B 74 -11.00 5.69 -22.39
CA ALA B 74 -10.83 5.74 -20.94
C ALA B 74 -11.02 7.16 -20.41
N ALA B 75 -10.48 8.15 -21.13
CA ALA B 75 -10.63 9.53 -20.68
C ALA B 75 -12.10 9.94 -20.62
N ARG B 76 -12.88 9.60 -21.66
CA ARG B 76 -14.29 9.97 -21.65
C ARG B 76 -15.08 9.17 -20.62
N ALA B 77 -14.64 7.95 -20.30
CA ALA B 77 -15.31 7.12 -19.31
C ALA B 77 -15.00 7.55 -17.88
N GLY B 78 -14.17 8.57 -17.70
CA GLY B 78 -13.85 9.08 -16.39
C GLY B 78 -12.59 8.54 -15.75
N VAL B 79 -11.74 7.86 -16.51
CA VAL B 79 -10.49 7.33 -15.97
C VAL B 79 -9.46 8.44 -15.89
N ARG B 80 -8.66 8.43 -14.83
CA ARG B 80 -7.66 9.47 -14.60
C ARG B 80 -6.34 8.83 -14.18
N VAL B 81 -5.24 9.50 -14.55
CA VAL B 81 -3.91 9.06 -14.13
C VAL B 81 -3.84 8.99 -12.61
N GLY B 82 -3.12 8.00 -12.11
CA GLY B 82 -3.00 7.79 -10.68
C GLY B 82 -4.01 6.83 -10.10
N ASP B 83 -5.08 6.53 -10.81
CA ASP B 83 -6.05 5.56 -10.31
C ASP B 83 -5.37 4.22 -10.06
N LYS B 84 -5.72 3.58 -8.95
CA LYS B 84 -5.25 2.24 -8.65
C LYS B 84 -6.26 1.22 -9.18
N LEU B 85 -5.78 0.27 -9.96
CA LEU B 85 -6.65 -0.73 -10.59
C LEU B 85 -6.74 -1.95 -9.69
N LEU B 86 -7.96 -2.33 -9.32
CA LEU B 86 -8.19 -3.43 -8.39
C LEU B 86 -8.92 -4.62 -9.00
N GLU B 87 -9.78 -4.41 -9.99
CA GLU B 87 -10.46 -5.53 -10.65
C GLU B 87 -10.78 -5.13 -12.08
N VAL B 88 -10.79 -6.13 -12.96
CA VAL B 88 -11.15 -5.96 -14.36
C VAL B 88 -11.98 -7.17 -14.77
N ASN B 89 -13.28 -6.97 -14.95
CA ASN B 89 -14.20 -8.02 -15.39
C ASN B 89 -14.05 -9.28 -14.53
N GLY B 90 -14.15 -9.10 -13.21
CA GLY B 90 -14.08 -10.19 -12.27
C GLY B 90 -12.69 -10.62 -11.86
N VAL B 91 -11.66 -10.23 -12.61
CA VAL B 91 -10.29 -10.63 -12.27
C VAL B 91 -9.76 -9.69 -11.19
N ALA B 92 -9.46 -10.25 -10.02
CA ALA B 92 -8.92 -9.47 -8.92
C ALA B 92 -7.45 -9.16 -9.15
N LEU B 93 -7.08 -7.89 -9.01
CA LEU B 93 -5.71 -7.45 -9.28
C LEU B 93 -4.98 -7.00 -8.03
N GLN B 94 -5.56 -7.23 -6.84
CA GLN B 94 -4.87 -6.90 -5.61
C GLN B 94 -3.70 -7.84 -5.42
N GLY B 95 -2.48 -7.28 -5.39
CA GLY B 95 -1.30 -8.10 -5.30
C GLY B 95 -0.93 -8.85 -6.56
N ALA B 96 -1.42 -8.39 -7.71
CA ALA B 96 -1.19 -9.08 -8.97
C ALA B 96 0.11 -8.60 -9.61
N GLU B 97 0.72 -9.47 -10.40
CA GLU B 97 1.88 -9.11 -11.18
C GLU B 97 1.46 -8.29 -12.39
N HIS B 98 2.41 -7.54 -12.94
CA HIS B 98 2.13 -6.65 -14.06
C HIS B 98 1.45 -7.39 -15.20
N HIS B 99 1.99 -8.56 -15.57
CA HIS B 99 1.44 -9.28 -16.72
C HIS B 99 0.01 -9.73 -16.46
N GLU B 100 -0.34 -10.00 -15.21
CA GLU B 100 -1.71 -10.41 -14.88
C GLU B 100 -2.69 -9.30 -15.19
N ALA B 101 -2.33 -8.04 -14.90
CA ALA B 101 -3.19 -6.92 -15.25
C ALA B 101 -3.28 -6.77 -16.77
N VAL B 102 -2.15 -6.88 -17.47
CA VAL B 102 -2.15 -6.76 -18.92
C VAL B 102 -3.06 -7.80 -19.55
N GLU B 103 -2.91 -9.06 -19.12
CA GLU B 103 -3.70 -10.14 -19.71
C GLU B 103 -5.18 -9.97 -19.38
N ALA B 104 -5.49 -9.48 -18.18
CA ALA B 104 -6.89 -9.26 -17.82
C ALA B 104 -7.51 -8.15 -18.66
N LEU B 105 -6.75 -7.08 -18.93
CA LEU B 105 -7.26 -5.98 -19.73
C LEU B 105 -7.28 -6.33 -21.21
N ARG B 106 -6.29 -7.07 -21.69
CA ARG B 106 -6.25 -7.40 -23.11
C ARG B 106 -7.34 -8.40 -23.49
N GLY B 107 -7.72 -9.28 -22.56
CA GLY B 107 -8.73 -10.27 -22.86
C GLY B 107 -10.08 -9.95 -22.25
N ALA B 108 -10.30 -8.69 -21.90
CA ALA B 108 -11.55 -8.32 -21.22
C ALA B 108 -12.73 -8.35 -22.19
N GLY B 109 -12.52 -7.93 -23.43
CA GLY B 109 -13.56 -7.89 -24.42
C GLY B 109 -13.93 -6.47 -24.82
N THR B 110 -15.11 -6.34 -25.44
CA THR B 110 -15.54 -5.04 -25.93
C THR B 110 -15.85 -4.08 -24.80
N ALA B 111 -16.33 -4.58 -23.66
CA ALA B 111 -16.64 -3.76 -22.50
C ALA B 111 -15.72 -4.17 -21.36
N VAL B 112 -14.95 -3.21 -20.84
CA VAL B 112 -13.98 -3.45 -19.79
C VAL B 112 -14.46 -2.74 -18.54
N GLN B 113 -15.09 -3.49 -17.63
CA GLN B 113 -15.54 -2.95 -16.36
C GLN B 113 -14.40 -3.07 -15.36
N MET B 114 -13.79 -1.95 -15.00
CA MET B 114 -12.72 -1.92 -14.02
C MET B 114 -13.14 -1.02 -12.86
N ARG B 115 -12.92 -1.49 -11.64
CA ARG B 115 -13.14 -0.67 -10.45
C ARG B 115 -11.80 -0.21 -9.90
N VAL B 116 -11.69 1.10 -9.66
CA VAL B 116 -10.45 1.73 -9.26
C VAL B 116 -10.69 2.49 -7.95
N TRP B 117 -9.60 2.94 -7.35
CA TRP B 117 -9.64 3.76 -6.16
C TRP B 117 -8.83 5.04 -6.41
N ARG B 118 -9.45 6.17 -6.13
CA ARG B 118 -8.82 7.49 -6.16
C ARG B 118 -9.22 8.23 -4.89
N GLU B 119 -8.54 9.33 -4.63
CA GLU B 119 -8.81 10.17 -3.45
C GLU B 119 -8.27 9.50 -2.20
N SER C 2 -16.12 4.86 7.32
CA SER C 2 -17.04 3.99 8.03
C SER C 2 -16.30 2.86 8.73
N ARG C 3 -15.09 3.14 9.18
CA ARG C 3 -14.26 2.17 9.87
C ARG C 3 -13.92 2.68 11.26
N THR C 4 -13.26 1.80 12.03
CA THR C 4 -12.80 2.14 13.38
C THR C 4 -11.36 2.63 13.29
N ARG C 5 -11.12 3.86 13.76
CA ARG C 5 -9.78 4.38 13.88
C ARG C 5 -9.15 3.88 15.18
N ARG C 6 -7.99 3.26 15.09
CA ARG C 6 -7.30 2.66 16.23
C ARG C 6 -5.92 3.27 16.37
N GLU C 7 -5.60 3.76 17.57
CA GLU C 7 -4.29 4.30 17.89
C GLU C 7 -3.90 3.88 19.29
N THR C 8 -2.67 3.35 19.44
CA THR C 8 -2.23 2.81 20.72
C THR C 8 -0.86 3.36 21.08
N GLN C 9 -0.78 3.93 22.28
CA GLN C 9 0.47 4.43 22.83
C GLN C 9 1.22 3.29 23.51
N LEU C 10 2.50 3.15 23.19
CA LEU C 10 3.32 2.05 23.72
C LEU C 10 4.65 2.56 24.28
N SER D 2 16.24 -1.48 -7.70
CA SER D 2 16.88 -2.72 -8.13
C SER D 2 15.82 -3.70 -8.63
N ARG D 3 14.75 -3.18 -9.18
CA ARG D 3 13.63 -3.95 -9.72
C ARG D 3 13.46 -3.65 -11.20
N THR D 4 12.56 -4.37 -11.84
CA THR D 4 12.22 -4.12 -13.24
C THR D 4 11.04 -3.17 -13.28
N ARG D 5 11.22 -2.02 -13.92
CA ARG D 5 10.11 -1.11 -14.15
C ARG D 5 9.33 -1.55 -15.38
N ARG D 6 8.04 -1.74 -15.23
CA ARG D 6 7.18 -2.25 -16.28
C ARG D 6 6.05 -1.28 -16.56
N GLU D 7 5.89 -0.90 -17.83
CA GLU D 7 4.80 -0.04 -18.26
C GLU D 7 4.29 -0.57 -19.59
N THR D 8 2.97 -0.72 -19.69
CA THR D 8 2.33 -1.33 -20.85
C THR D 8 1.22 -0.43 -21.35
N GLN D 9 1.26 -0.10 -22.64
CA GLN D 9 0.20 0.66 -23.28
C GLN D 9 -0.88 -0.29 -23.79
N LEU D 10 -2.13 0.02 -23.48
CA LEU D 10 -3.26 -0.84 -23.85
C LEU D 10 -4.38 -0.02 -24.49
C1 SDY E . 2.25 6.39 -0.58
O1 SDY E . 3.09 6.95 0.33
C2 SDY E . 2.52 4.90 -0.68
O2 SDY E . 3.47 4.54 0.34
C3 SDY E . 1.27 4.12 -0.47
O3 SDY E . 0.78 4.34 0.88
C4 SDY E . 0.10 4.63 -1.47
O4 SDY E . -1.15 3.94 -1.44
C5 SDY E . -0.13 6.11 -1.16
O5 SDY E . 0.82 6.64 -0.17
C6 SDY E . -1.52 6.31 -0.64
O6 SDY E . -1.64 7.65 -0.23
H1 SDY E . 2.42 6.82 -1.44
H2 SDY E . 2.89 4.69 -1.55
H3 SDY E . 1.45 3.17 -0.62
H4 SDY E . 0.46 4.59 -2.38
HO4 SDY E . -1.12 3.34 -0.83
H5 SDY E . -0.03 6.60 -1.99
H61 SDY E . -1.67 5.72 0.12
H62 SDY E . -2.16 6.11 -1.33
HO6 SDY E . -2.41 7.94 -0.46
HO3 SDY E . 0.99 3.67 1.37
HO1 SDY E . 3.42 7.66 0.01
HO2 SDY E . 3.43 5.09 0.98
C1 PEG F . -2.56 -2.01 0.62
O1 PEG F . -1.56 -1.02 0.59
C2 PEG F . -3.37 -1.91 1.92
O2 PEG F . -2.52 -2.02 3.03
C3 PEG F . -1.97 -3.29 3.25
C4 PEG F . -0.48 -3.26 2.92
O4 PEG F . 0.16 -2.34 3.75
H11 PEG F . -2.14 -2.88 0.57
H12 PEG F . -3.15 -1.89 -0.13
HO1 PEG F . -1.77 -0.39 1.12
H21 PEG F . -4.03 -2.61 1.94
H22 PEG F . -3.81 -1.04 1.94
H31 PEG F . -2.10 -3.55 4.17
H32 PEG F . -2.42 -3.94 2.67
H41 PEG F . -0.11 -4.14 3.05
H42 PEG F . -0.37 -2.99 1.99
HO4 PEG F . 0.64 -2.76 4.32
C1 PEG G . 14.71 -11.35 16.33
O1 PEG G . 15.35 -10.59 15.35
C2 PEG G . 15.27 -11.00 17.70
O2 PEG G . 14.86 -11.97 18.63
C3 PEG G . 14.88 -11.54 19.96
C4 PEG G . 16.32 -11.32 20.43
O4 PEG G . 16.32 -10.96 21.78
H11 PEG G . 13.75 -11.16 16.31
H12 PEG G . 14.85 -12.29 16.16
HO1 PEG G . 15.14 -10.89 14.58
H21 PEG G . 16.24 -10.97 17.66
H22 PEG G . 14.94 -10.13 17.97
H31 PEG G . 14.48 -12.24 20.52
H32 PEG G . 14.38 -10.72 20.05
H41 PEG G . 16.71 -10.59 19.90
H42 PEG G . 16.84 -12.12 20.30
HO4 PEG G . 16.97 -10.44 21.94
C1 PEG H . -1.71 11.59 9.19
O1 PEG H . -1.23 12.85 9.57
C2 PEG H . -2.75 11.12 10.20
O2 PEG H . -3.11 9.79 9.92
C3 PEG H . -4.27 9.36 10.58
C4 PEG H . -5.47 9.54 9.67
O4 PEG H . -6.56 8.81 10.16
H11 PEG H . -0.98 10.96 9.18
H12 PEG H . -2.12 11.64 8.31
HO1 PEG H . -1.00 13.29 8.86
H21 PEG H . -3.54 11.68 10.15
H22 PEG H . -2.39 11.17 11.10
H31 PEG H . -4.39 9.87 11.39
H32 PEG H . -4.18 8.41 10.81
H41 PEG H . -5.25 9.22 8.78
H42 PEG H . -5.70 10.48 9.62
HO4 PEG H . -7.05 8.56 9.52
C1 PEG I . -8.11 7.48 6.06
O1 PEG I . -7.56 8.42 6.95
C2 PEG I . -8.47 8.16 4.75
O2 PEG I . -7.31 8.38 3.97
C3 PEG I . -6.41 9.30 4.50
C4 PEG I . -5.87 10.18 3.38
O4 PEG I . -4.69 10.80 3.78
H11 PEG I . -8.90 7.09 6.45
H12 PEG I . -7.45 6.78 5.89
HO1 PEG I . -6.86 8.09 7.31
H21 PEG I . -8.88 9.03 4.94
H22 PEG I . -9.09 7.61 4.25
H31 PEG I . -5.67 8.83 4.91
H32 PEG I . -6.85 9.85 5.17
H41 PEG I . -5.71 9.65 2.58
H42 PEG I . -6.54 10.87 3.17
HO4 PEG I . -4.15 10.21 4.07
C1 PEG J . 21.05 0.78 18.26
O1 PEG J . 19.70 0.90 18.59
C2 PEG J . 21.66 2.17 18.04
O2 PEG J . 21.58 2.51 16.69
C3 PEG J . 22.70 2.12 15.94
C4 PEG J . 22.51 2.53 14.48
O4 PEG J . 21.44 1.81 13.92
H11 PEG J . 21.16 0.26 17.45
H12 PEG J . 21.54 0.34 18.98
HO1 PEG J . 19.32 0.15 18.47
H21 PEG J . 21.15 2.82 18.56
H22 PEG J . 22.58 2.18 18.33
H31 PEG J . 22.80 1.16 15.99
H32 PEG J . 23.49 2.55 16.30
H41 PEG J . 22.31 3.48 14.43
H42 PEG J . 23.32 2.34 13.99
HO4 PEG J . 21.40 1.96 13.08
C1 PEG K . 6.73 -10.74 -23.69
O1 PEG K . 7.38 -11.42 -24.72
C2 PEG K . 5.64 -9.85 -24.29
O2 PEG K . 5.67 -8.59 -23.66
C3 PEG K . 4.67 -7.72 -24.10
C4 PEG K . 3.40 -7.95 -23.29
O4 PEG K . 2.69 -6.74 -23.18
H11 PEG K . 7.36 -10.19 -23.21
H12 PEG K . 6.32 -11.37 -23.08
HO1 PEG K . 8.21 -11.51 -24.51
H21 PEG K . 5.80 -9.73 -25.24
H22 PEG K . 4.77 -10.25 -24.15
H31 PEG K . 4.49 -7.88 -25.03
H32 PEG K . 4.97 -6.80 -23.98
H41 PEG K . 3.63 -8.26 -22.40
H42 PEG K . 2.85 -8.61 -23.73
HO4 PEG K . 2.28 -6.72 -22.44
C1 PEG L . 9.05 4.98 -6.97
O1 PEG L . 9.71 4.11 -7.87
C2 PEG L . 9.37 6.43 -7.34
O2 PEG L . 8.94 7.29 -6.32
C3 PEG L . 7.54 7.37 -6.18
C4 PEG L . 7.18 8.49 -5.23
O4 PEG L . 7.56 8.15 -3.93
H11 PEG L . 8.10 4.83 -7.02
H12 PEG L . 9.36 4.81 -6.07
HO1 PEG L . 9.40 3.33 -7.77
H21 PEG L . 10.33 6.53 -7.46
H22 PEG L . 8.92 6.66 -8.17
H31 PEG L . 7.13 7.53 -7.05
H32 PEG L . 7.21 6.53 -5.83
H41 PEG L . 7.63 9.30 -5.50
H42 PEG L . 6.22 8.64 -5.26
HO4 PEG L . 6.87 7.96 -3.46
C1 PEG M . -0.71 -3.67 -2.93
O1 PEG M . -1.45 -2.62 -3.49
C2 PEG M . 0.78 -3.41 -3.20
O2 PEG M . 1.53 -3.83 -2.09
C3 PEG M . 2.10 -2.80 -1.32
C4 PEG M . 1.02 -1.94 -0.66
O4 PEG M . 1.63 -0.90 0.06
H11 PEG M . -0.87 -3.72 -1.97
H12 PEG M . -0.97 -4.51 -3.33
HO1 PEG M . -1.07 -2.36 -4.21
H21 PEG M . 0.91 -2.47 -3.35
H22 PEG M . 1.05 -3.91 -3.98
H31 PEG M . 2.64 -2.23 -1.90
H32 PEG M . 2.65 -3.18 -0.64
H41 PEG M . 0.48 -2.49 -0.06
H42 PEG M . 0.44 -1.56 -1.34
HO4 PEG M . 2.23 -0.55 -0.41
C1 PEG N . -11.89 -4.66 22.81
O1 PEG N . -10.98 -4.18 23.76
C2 PEG N . -12.47 -3.48 22.04
O2 PEG N . -13.06 -3.93 20.85
C3 PEG N . -12.98 -3.02 19.79
C4 PEG N . -12.04 -3.54 18.71
O4 PEG N . -12.14 -2.69 17.60
H11 PEG N . -11.43 -5.26 22.19
H12 PEG N . -12.60 -5.14 23.25
HO1 PEG N . -10.73 -4.82 24.26
H21 PEG N . -13.15 -3.04 22.58
H22 PEG N . -11.77 -2.85 21.82
H31 PEG N . -13.86 -2.90 19.41
H32 PEG N . -12.65 -2.18 20.11
H41 PEG N . -11.13 -3.55 19.03
H42 PEG N . -12.30 -4.44 18.44
HO4 PEG N . -12.62 -2.02 17.81
N NH4 O . -8.21 -3.57 18.36
HN1 NH4 O . -8.83 -3.94 17.84
HN2 NH4 O . -7.46 -3.46 17.90
HN3 NH4 O . -8.06 -4.10 19.06
HN4 NH4 O . -8.50 -2.78 18.64
#